data_8TWG
#
_entry.id   8TWG
#
_cell.length_a   46.790
_cell.length_b   70.548
_cell.length_c   128.314
_cell.angle_alpha   90.000
_cell.angle_beta   90.000
_cell.angle_gamma   90.000
#
_symmetry.space_group_name_H-M   'P 2 21 21'
#
loop_
_entity.id
_entity.type
_entity.pdbx_description
1 polymer '6-hydroxynicotinate 3-monooxygenase'
2 non-polymer 'FLAVIN-ADENINE DINUCLEOTIDE'
3 water water
#
_entity_poly.entity_id   1
_entity_poly.type   'polypeptide(L)'
_entity_poly.pdbx_seq_one_letter_code
;MGSSHHHHHHSSGKLMSKNIKILVVGAGIAGPAICYWLKRFGFSPVLIEKYASIRKGGQALDIRGIATHLARVMGIYDQI
CDRRTRIECGRFVDSAGKVLHEEHGEKFGFRQDDEVEILRGDLVEILMKTIADVPCYFNKSIISMQQNADKVIVKFKDGK
IENYDIVIGADGIHSATRRMIFDKNEYQLIHLGSYLSTFTIPNYLGLSHTDLECEANHKLVSINSDNNPEIARAGFMFRS
QHILKDIRDEHEQKQFLCDTFRDFGWETQNILNRMPESDDFYFDAITQVRMNSWTKGRIALIGDAGYCPSPLSGQGNNLA
FVGAYILAGELKTANANYMQAFSRYNALLRSFVDTNQEFGVWVSKSFLVEDEVSKEIAEERSNRILAMIKLVSNAIILPQ
YE
;
_entity_poly.pdbx_strand_id   B
#
loop_
_chem_comp.id
_chem_comp.type
_chem_comp.name
_chem_comp.formula
FAD non-polymer 'FLAVIN-ADENINE DINUCLEOTIDE' 'C27 H33 N9 O15 P2'
#
# COMPACT_ATOMS: atom_id res chain seq x y z
N LYS A 18 18.35 21.08 2.91
CA LYS A 18 18.98 22.39 2.83
C LYS A 18 19.80 22.38 1.53
N ASN A 19 21.11 22.17 1.67
CA ASN A 19 21.92 21.67 0.58
C ASN A 19 22.12 20.16 0.70
N ILE A 20 21.50 19.54 1.70
CA ILE A 20 21.69 18.10 1.95
C ILE A 20 21.26 17.30 0.73
N LYS A 21 22.04 16.29 0.39
CA LYS A 21 21.70 15.38 -0.70
C LYS A 21 20.85 14.25 -0.10
N ILE A 22 19.57 14.23 -0.44
CA ILE A 22 18.64 13.21 0.04
C ILE A 22 18.10 12.47 -1.17
N LEU A 23 18.26 11.15 -1.17
CA LEU A 23 17.70 10.28 -2.20
C LEU A 23 16.51 9.55 -1.61
N VAL A 24 15.40 9.53 -2.35
CA VAL A 24 14.19 8.80 -1.96
C VAL A 24 13.98 7.72 -3.00
N VAL A 25 13.94 6.46 -2.57
CA VAL A 25 13.85 5.32 -3.46
C VAL A 25 12.42 4.77 -3.45
N GLY A 26 11.71 4.97 -4.55
CA GLY A 26 10.38 4.42 -4.72
C GLY A 26 9.26 5.43 -4.85
N ALA A 27 8.61 5.46 -6.01
CA ALA A 27 7.51 6.41 -6.28
C ALA A 27 6.16 5.71 -6.14
N GLY A 28 5.87 5.24 -4.92
CA GLY A 28 4.57 4.69 -4.61
C GLY A 28 3.69 5.70 -3.86
N ILE A 29 3.42 5.42 -2.60
CA ILE A 29 2.71 6.35 -1.74
C ILE A 29 3.65 7.04 -0.76
N ALA A 30 4.47 6.25 -0.05
CA ALA A 30 5.35 6.82 0.97
C ALA A 30 6.41 7.74 0.37
N GLY A 31 6.99 7.36 -0.77
CA GLY A 31 8.09 8.09 -1.33
C GLY A 31 7.66 9.47 -1.80
N PRO A 32 6.60 9.51 -2.61
CA PRO A 32 6.08 10.83 -3.00
C PRO A 32 5.60 11.64 -1.82
N ALA A 33 4.99 11.01 -0.82
CA ALA A 33 4.57 11.73 0.36
C ALA A 33 5.75 12.38 1.11
N ILE A 34 6.83 11.65 1.31
CA ILE A 34 7.94 12.24 2.06
C ILE A 34 8.63 13.32 1.20
N CYS A 35 8.62 13.17 -0.12
CA CYS A 35 9.15 14.24 -0.96
C CYS A 35 8.35 15.51 -0.77
N TYR A 36 7.01 15.40 -0.70
CA TYR A 36 6.21 16.60 -0.47
C TYR A 36 6.60 17.28 0.84
N TRP A 37 6.71 16.49 1.93
CA TRP A 37 7.01 17.09 3.23
C TRP A 37 8.44 17.62 3.28
N LEU A 38 9.38 16.88 2.69
CA LEU A 38 10.76 17.36 2.66
C LEU A 38 10.84 18.69 1.92
N LYS A 39 10.21 18.76 0.75
CA LYS A 39 10.23 19.99 -0.03
C LYS A 39 9.61 21.13 0.75
N ARG A 40 8.46 20.89 1.37
CA ARG A 40 7.79 21.90 2.15
C ARG A 40 8.62 22.38 3.33
N PHE A 41 9.39 21.48 3.95
CA PHE A 41 10.16 21.78 5.14
C PHE A 41 11.56 22.34 4.82
N GLY A 42 11.84 22.67 3.57
CA GLY A 42 13.07 23.32 3.20
C GLY A 42 14.16 22.46 2.60
N PHE A 43 13.89 21.19 2.33
CA PHE A 43 14.86 20.27 1.74
C PHE A 43 14.67 20.16 0.24
N SER A 44 15.61 19.47 -0.39
CA SER A 44 15.68 19.32 -1.84
C SER A 44 15.87 17.86 -2.21
N PRO A 45 14.86 17.03 -1.97
CA PRO A 45 14.99 15.60 -2.27
C PRO A 45 14.97 15.32 -3.76
N VAL A 46 15.57 14.19 -4.10
CA VAL A 46 15.54 13.58 -5.41
C VAL A 46 14.85 12.22 -5.30
N LEU A 47 13.94 11.93 -6.22
CA LEU A 47 13.15 10.72 -6.22
C LEU A 47 13.54 9.82 -7.38
N ILE A 48 13.58 8.52 -7.13
CA ILE A 48 13.80 7.56 -8.21
C ILE A 48 12.76 6.44 -8.15
N GLU A 49 12.48 5.86 -9.33
CA GLU A 49 11.56 4.75 -9.50
C GLU A 49 12.20 3.70 -10.40
N LYS A 50 12.14 2.45 -9.97
CA LYS A 50 12.72 1.36 -10.75
C LYS A 50 11.98 1.19 -12.07
N TYR A 51 10.66 1.27 -12.07
CA TYR A 51 9.90 1.07 -13.29
C TYR A 51 10.02 2.28 -14.22
N ALA A 52 9.57 2.08 -15.46
CA ALA A 52 9.71 3.12 -16.47
C ALA A 52 8.74 4.29 -16.25
N SER A 53 7.59 4.04 -15.63
CA SER A 53 6.65 5.09 -15.34
C SER A 53 5.91 4.74 -14.05
N ILE A 54 5.15 5.71 -13.55
CA ILE A 54 4.43 5.51 -12.30
C ILE A 54 3.46 4.34 -12.43
N ARG A 55 3.46 3.48 -11.42
CA ARG A 55 2.59 2.30 -11.40
C ARG A 55 1.25 2.67 -10.77
N LYS A 56 0.15 2.52 -11.53
CA LYS A 56 -1.15 2.98 -11.07
C LYS A 56 -2.13 1.85 -10.78
N GLY A 57 -1.68 0.61 -10.79
CA GLY A 57 -2.54 -0.49 -10.41
C GLY A 57 -2.89 -0.43 -8.94
N GLY A 58 -3.70 -1.40 -8.51
CA GLY A 58 -4.07 -1.52 -7.11
C GLY A 58 -5.56 -1.33 -6.86
N GLN A 59 -6.04 -1.94 -5.77
CA GLN A 59 -7.43 -1.83 -5.39
C GLN A 59 -7.71 -0.43 -4.80
N ALA A 60 -8.98 -0.19 -4.54
CA ALA A 60 -9.39 0.97 -3.76
C ALA A 60 -8.73 0.89 -2.40
N LEU A 61 -8.31 2.03 -1.90
CA LEU A 61 -7.79 2.17 -0.54
C LEU A 61 -8.59 3.23 0.20
N ASP A 62 -8.41 3.29 1.50
CA ASP A 62 -9.20 4.18 2.32
C ASP A 62 -8.27 5.18 3.02
N ILE A 63 -8.56 6.45 2.87
CA ILE A 63 -7.89 7.50 3.63
C ILE A 63 -8.70 7.62 4.92
N ARG A 64 -8.07 7.31 6.05
CA ARG A 64 -8.78 7.06 7.29
C ARG A 64 -8.04 7.68 8.48
N GLY A 65 -8.81 8.12 9.46
CA GLY A 65 -8.24 8.60 10.73
C GLY A 65 -7.30 9.77 10.56
N ILE A 66 -6.13 9.67 11.21
CA ILE A 66 -5.18 10.78 11.23
C ILE A 66 -4.67 11.11 9.85
N ALA A 67 -4.73 10.16 8.90
CA ALA A 67 -4.29 10.46 7.56
C ALA A 67 -5.20 11.43 6.83
N THR A 68 -6.48 11.53 7.20
CA THR A 68 -7.32 12.52 6.57
C THR A 68 -6.86 13.93 6.91
N HIS A 69 -6.47 14.16 8.17
CA HIS A 69 -5.86 15.44 8.54
C HIS A 69 -4.62 15.74 7.72
N LEU A 70 -3.73 14.74 7.55
CA LEU A 70 -2.53 14.99 6.77
C LEU A 70 -2.85 15.26 5.32
N ALA A 71 -3.84 14.55 4.75
CA ALA A 71 -4.23 14.85 3.37
C ALA A 71 -4.70 16.31 3.26
N ARG A 72 -5.43 16.77 4.26
CA ARG A 72 -5.89 18.17 4.25
C ARG A 72 -4.71 19.14 4.27
N VAL A 73 -3.77 18.94 5.18
CA VAL A 73 -2.63 19.84 5.28
C VAL A 73 -1.79 19.80 4.03
N MET A 74 -1.70 18.63 3.38
CA MET A 74 -0.97 18.49 2.12
C MET A 74 -1.64 19.19 0.96
N GLY A 75 -2.87 19.61 1.12
CA GLY A 75 -3.59 20.29 0.06
C GLY A 75 -4.20 19.39 -0.96
N ILE A 76 -4.45 18.12 -0.63
CA ILE A 76 -4.94 17.14 -1.60
C ILE A 76 -6.30 16.56 -1.24
N TYR A 77 -6.91 16.98 -0.13
CA TYR A 77 -8.17 16.36 0.28
C TYR A 77 -9.29 16.57 -0.72
N ASP A 78 -9.45 17.79 -1.26
CA ASP A 78 -10.48 18.03 -2.25
C ASP A 78 -10.26 17.17 -3.49
N GLN A 79 -9.01 17.05 -3.92
CA GLN A 79 -8.70 16.24 -5.08
C GLN A 79 -9.06 14.78 -4.81
N ILE A 80 -8.75 14.30 -3.61
CA ILE A 80 -9.12 12.92 -3.27
C ILE A 80 -10.62 12.75 -3.28
N CYS A 81 -11.35 13.73 -2.73
CA CYS A 81 -12.80 13.63 -2.73
C CYS A 81 -13.35 13.57 -4.14
N ASP A 82 -12.81 14.40 -5.05
CA ASP A 82 -13.27 14.41 -6.43
C ASP A 82 -13.08 13.05 -7.11
N ARG A 83 -12.08 12.29 -6.69
CA ARG A 83 -11.79 11.00 -7.28
C ARG A 83 -12.28 9.83 -6.42
N ARG A 84 -13.20 10.09 -5.50
CA ARG A 84 -13.72 9.02 -4.67
C ARG A 84 -14.41 7.95 -5.53
N THR A 85 -14.44 6.73 -5.00
CA THR A 85 -15.15 5.67 -5.69
C THR A 85 -16.65 5.92 -5.64
N ARG A 86 -17.35 5.42 -6.66
CA ARG A 86 -18.79 5.63 -6.75
C ARG A 86 -19.55 4.36 -7.06
N ILE A 87 -19.26 3.27 -6.30
CA ILE A 87 -20.05 2.06 -6.41
C ILE A 87 -21.43 2.29 -5.80
N GLU A 88 -22.48 2.09 -6.59
CA GLU A 88 -23.85 2.28 -6.12
C GLU A 88 -24.48 0.99 -5.63
N CYS A 89 -24.02 -0.15 -6.13
CA CYS A 89 -24.63 -1.44 -5.81
C CYS A 89 -23.53 -2.46 -5.59
N GLY A 90 -23.52 -3.08 -4.41
CA GLY A 90 -22.60 -4.16 -4.13
C GLY A 90 -23.40 -5.45 -3.97
N ARG A 91 -23.07 -6.47 -4.74
CA ARG A 91 -23.79 -7.73 -4.66
C ARG A 91 -22.82 -8.84 -4.26
N PHE A 92 -23.30 -9.72 -3.39
CA PHE A 92 -22.59 -10.92 -3.00
C PHE A 92 -23.34 -12.07 -3.64
N VAL A 93 -22.63 -12.89 -4.40
CA VAL A 93 -23.28 -13.91 -5.22
C VAL A 93 -22.64 -15.25 -4.94
N ASP A 94 -23.39 -16.30 -5.22
CA ASP A 94 -22.81 -17.64 -5.21
C ASP A 94 -22.22 -17.93 -6.59
N SER A 95 -21.54 -19.08 -6.70
CA SER A 95 -20.79 -19.39 -7.91
C SER A 95 -21.69 -19.52 -9.14
N ALA A 96 -22.97 -19.71 -8.94
CA ALA A 96 -23.90 -19.71 -10.08
C ALA A 96 -24.44 -18.32 -10.41
N GLY A 97 -24.06 -17.29 -9.66
CA GLY A 97 -24.51 -15.94 -9.91
C GLY A 97 -25.74 -15.49 -9.14
N LYS A 98 -26.31 -16.35 -8.32
CA LYS A 98 -27.48 -15.96 -7.54
C LYS A 98 -27.09 -14.92 -6.49
N VAL A 99 -27.91 -13.87 -6.38
CA VAL A 99 -27.64 -12.81 -5.43
C VAL A 99 -28.00 -13.28 -4.03
N LEU A 100 -27.03 -13.28 -3.13
CA LEU A 100 -27.26 -13.64 -1.74
C LEU A 100 -27.54 -12.43 -0.87
N HIS A 101 -26.97 -11.27 -1.21
CA HIS A 101 -27.14 -10.07 -0.42
C HIS A 101 -26.75 -8.89 -1.31
N GLU A 102 -27.48 -7.78 -1.17
CA GLU A 102 -27.24 -6.58 -1.97
C GLU A 102 -27.11 -5.41 -1.04
N GLU A 103 -26.08 -4.57 -1.27
CA GLU A 103 -25.86 -3.35 -0.52
C GLU A 103 -25.82 -2.19 -1.50
N HIS A 104 -26.25 -1.02 -1.03
CA HIS A 104 -26.25 0.18 -1.86
C HIS A 104 -25.40 1.27 -1.23
N GLY A 105 -24.80 2.08 -2.09
CA GLY A 105 -23.91 3.12 -1.64
C GLY A 105 -24.67 4.24 -0.97
N GLU A 106 -23.93 5.09 -0.29
CA GLU A 106 -24.50 6.28 0.34
C GLU A 106 -24.72 7.39 -0.68
N LYS A 107 -25.67 8.27 -0.36
CA LYS A 107 -26.00 9.37 -1.29
C LYS A 107 -24.75 10.19 -1.60
N PHE A 108 -24.56 10.51 -2.88
CA PHE A 108 -23.43 11.30 -3.36
C PHE A 108 -22.11 10.55 -3.22
N GLY A 109 -22.14 9.29 -2.79
CA GLY A 109 -20.89 8.58 -2.60
C GLY A 109 -20.04 9.12 -1.49
N PHE A 110 -20.64 9.81 -0.52
CA PHE A 110 -19.92 10.38 0.61
C PHE A 110 -20.26 9.66 1.90
N ARG A 111 -19.24 9.36 2.68
CA ARG A 111 -19.46 8.94 4.07
C ARG A 111 -19.90 10.15 4.90
N GLN A 112 -20.48 9.86 6.06
CA GLN A 112 -20.84 10.92 6.99
C GLN A 112 -19.63 11.48 7.74
N ASP A 113 -18.54 10.73 7.82
CA ASP A 113 -17.29 11.19 8.42
C ASP A 113 -16.31 11.58 7.32
N ASP A 114 -15.03 11.81 7.69
CA ASP A 114 -14.04 12.35 6.77
C ASP A 114 -13.35 11.29 5.91
N GLU A 115 -13.58 10.02 6.19
CA GLU A 115 -12.94 8.94 5.44
C GLU A 115 -13.35 9.00 3.96
N VAL A 116 -12.43 8.60 3.09
CA VAL A 116 -12.68 8.58 1.65
C VAL A 116 -12.02 7.35 1.04
N GLU A 117 -12.79 6.63 0.20
CA GLU A 117 -12.27 5.50 -0.58
C GLU A 117 -11.88 5.98 -1.97
N ILE A 118 -10.65 5.64 -2.39
CA ILE A 118 -10.10 6.06 -3.67
C ILE A 118 -9.19 4.99 -4.23
N LEU A 119 -9.25 4.79 -5.55
CA LEU A 119 -8.32 3.86 -6.20
C LEU A 119 -6.87 4.27 -5.93
N ARG A 120 -6.04 3.28 -5.60
CA ARG A 120 -4.64 3.56 -5.36
C ARG A 120 -4.03 4.40 -6.47
N GLY A 121 -4.27 4.02 -7.73
CA GLY A 121 -3.64 4.73 -8.82
C GLY A 121 -4.04 6.20 -8.86
N ASP A 122 -5.29 6.50 -8.52
CA ASP A 122 -5.72 7.90 -8.45
C ASP A 122 -5.02 8.66 -7.33
N LEU A 123 -4.84 8.03 -6.18
CA LEU A 123 -4.07 8.66 -5.11
C LEU A 123 -2.63 8.90 -5.53
N VAL A 124 -2.01 7.93 -6.21
CA VAL A 124 -0.61 8.11 -6.60
C VAL A 124 -0.49 9.29 -7.58
N GLU A 125 -1.45 9.41 -8.51
CA GLU A 125 -1.42 10.55 -9.45
C GLU A 125 -1.51 11.88 -8.70
N ILE A 126 -2.44 11.98 -7.74
CA ILE A 126 -2.60 13.19 -6.96
C ILE A 126 -1.31 13.54 -6.21
N LEU A 127 -0.68 12.55 -5.57
CA LEU A 127 0.55 12.82 -4.85
C LEU A 127 1.65 13.32 -5.79
N MET A 128 1.77 12.71 -6.97
CA MET A 128 2.86 13.11 -7.88
C MET A 128 2.66 14.54 -8.36
N LYS A 129 1.40 14.98 -8.45
CA LYS A 129 1.14 16.38 -8.82
C LYS A 129 1.59 17.35 -7.74
N THR A 130 1.69 16.93 -6.47
CA THR A 130 2.13 17.85 -5.42
C THR A 130 3.64 18.07 -5.43
N ILE A 131 4.39 17.25 -6.19
CA ILE A 131 5.86 17.31 -6.19
C ILE A 131 6.37 17.47 -7.62
N ALA A 132 5.65 18.26 -8.41
CA ALA A 132 6.11 18.57 -9.76
C ALA A 132 7.46 19.26 -9.74
N ASP A 133 7.82 19.93 -8.64
CA ASP A 133 9.10 20.60 -8.51
C ASP A 133 10.21 19.70 -7.96
N VAL A 134 9.96 18.41 -7.82
CA VAL A 134 10.95 17.47 -7.27
C VAL A 134 11.47 16.62 -8.43
N PRO A 135 12.77 16.59 -8.68
CA PRO A 135 13.29 15.69 -9.73
C PRO A 135 12.88 14.24 -9.47
N CYS A 136 12.43 13.58 -10.53
CA CYS A 136 12.01 12.19 -10.42
C CYS A 136 12.56 11.45 -11.64
N TYR A 137 13.36 10.42 -11.38
CA TYR A 137 14.04 9.67 -12.43
C TYR A 137 13.49 8.26 -12.44
N PHE A 138 12.98 7.85 -13.60
CA PHE A 138 12.49 6.49 -13.80
C PHE A 138 13.56 5.64 -14.47
N ASN A 139 13.33 4.33 -14.45
CA ASN A 139 14.29 3.33 -14.92
C ASN A 139 15.62 3.39 -14.18
N LYS A 140 15.62 3.90 -12.95
CA LYS A 140 16.82 3.95 -12.12
C LYS A 140 16.71 2.84 -11.08
N SER A 141 17.72 1.97 -11.05
CA SER A 141 17.72 0.83 -10.16
C SER A 141 19.08 0.69 -9.52
N ILE A 142 19.10 0.65 -8.20
CA ILE A 142 20.34 0.50 -7.44
C ILE A 142 20.76 -0.97 -7.44
N ILE A 143 22.06 -1.20 -7.61
CA ILE A 143 22.61 -2.53 -7.50
C ILE A 143 23.58 -2.68 -6.33
N SER A 144 24.07 -1.58 -5.75
CA SER A 144 24.99 -1.66 -4.63
C SER A 144 24.84 -0.43 -3.75
N MET A 145 24.85 -0.65 -2.43
CA MET A 145 24.81 0.43 -1.45
C MET A 145 25.84 0.19 -0.37
N GLN A 146 26.60 1.23 -0.06
CA GLN A 146 27.61 1.21 0.99
C GLN A 146 27.55 2.56 1.69
N GLN A 147 27.77 2.56 2.99
CA GLN A 147 27.77 3.81 3.72
C GLN A 147 28.94 3.84 4.70
N ASN A 148 29.45 5.06 4.91
CA ASN A 148 30.47 5.34 5.90
C ASN A 148 29.94 6.47 6.78
N ALA A 149 30.79 7.01 7.65
CA ALA A 149 30.35 8.03 8.57
C ALA A 149 29.96 9.33 7.86
N ASP A 150 30.32 9.49 6.59
CA ASP A 150 30.15 10.75 5.88
C ASP A 150 29.13 10.70 4.76
N LYS A 151 29.08 9.61 4.00
CA LYS A 151 28.26 9.54 2.80
C LYS A 151 27.65 8.16 2.65
N VAL A 152 26.60 8.10 1.84
CA VAL A 152 26.07 6.85 1.32
C VAL A 152 26.48 6.78 -0.14
N ILE A 153 27.14 5.69 -0.52
CA ILE A 153 27.63 5.50 -1.88
C ILE A 153 26.67 4.56 -2.60
N VAL A 154 26.11 5.03 -3.69
CA VAL A 154 25.06 4.32 -4.42
C VAL A 154 25.55 4.08 -5.84
N LYS A 155 25.57 2.83 -6.25
CA LYS A 155 25.98 2.42 -7.59
C LYS A 155 24.75 1.89 -8.32
N PHE A 156 24.45 2.47 -9.48
CA PHE A 156 23.27 2.11 -10.24
C PHE A 156 23.63 1.09 -11.32
N LYS A 157 22.58 0.49 -11.91
CA LYS A 157 22.80 -0.49 -12.96
C LYS A 157 23.43 0.15 -14.19
N ASP A 158 23.22 1.46 -14.39
CA ASP A 158 23.88 2.16 -15.48
C ASP A 158 25.39 2.09 -15.36
N GLY A 159 25.89 1.91 -14.15
CA GLY A 159 27.28 2.15 -13.83
C GLY A 159 27.51 3.47 -13.11
N LYS A 160 26.51 4.33 -13.03
CA LYS A 160 26.64 5.59 -12.31
C LYS A 160 26.97 5.33 -10.85
N ILE A 161 27.67 6.28 -10.24
CA ILE A 161 27.94 6.26 -8.81
C ILE A 161 27.69 7.66 -8.27
N GLU A 162 26.84 7.75 -7.24
CA GLU A 162 26.44 9.02 -6.66
C GLU A 162 26.53 8.92 -5.15
N ASN A 163 27.04 9.97 -4.52
CA ASN A 163 27.16 10.06 -3.07
C ASN A 163 26.01 10.88 -2.52
N TYR A 164 25.45 10.43 -1.41
CA TYR A 164 24.34 11.14 -0.77
C TYR A 164 24.59 11.24 0.73
N ASP A 165 24.00 12.27 1.34
CA ASP A 165 24.01 12.42 2.78
C ASP A 165 23.03 11.45 3.45
N ILE A 166 21.87 11.25 2.83
CA ILE A 166 20.76 10.48 3.41
C ILE A 166 20.07 9.72 2.29
N VAL A 167 19.81 8.44 2.49
CA VAL A 167 19.01 7.64 1.58
C VAL A 167 17.78 7.14 2.34
N ILE A 168 16.60 7.31 1.74
CA ILE A 168 15.33 6.92 2.34
C ILE A 168 14.75 5.82 1.48
N GLY A 169 14.59 4.65 2.08
CA GLY A 169 13.95 3.55 1.38
C GLY A 169 12.45 3.66 1.47
N ALA A 170 11.82 3.90 0.32
CA ALA A 170 10.37 3.92 0.19
C ALA A 170 9.93 2.91 -0.86
N ASP A 171 10.66 1.78 -0.94
CA ASP A 171 10.53 0.88 -2.07
C ASP A 171 9.72 -0.39 -1.73
N GLY A 172 8.80 -0.30 -0.78
CA GLY A 172 7.78 -1.33 -0.63
C GLY A 172 8.23 -2.53 0.17
N ILE A 173 7.32 -3.51 0.27
CA ILE A 173 7.55 -4.64 1.16
C ILE A 173 8.79 -5.43 0.76
N HIS A 174 9.14 -5.43 -0.53
CA HIS A 174 10.34 -6.12 -1.02
C HIS A 174 11.54 -5.20 -1.13
N SER A 175 11.59 -4.16 -0.30
CA SER A 175 12.63 -3.13 -0.35
C SER A 175 14.02 -3.68 -0.63
N ALA A 176 14.57 -3.27 -1.77
CA ALA A 176 15.98 -3.52 -2.04
C ALA A 176 16.86 -2.73 -1.09
N THR A 177 16.45 -1.51 -0.73
CA THR A 177 17.21 -0.71 0.21
C THR A 177 17.36 -1.44 1.54
N ARG A 178 16.26 -2.01 2.04
CA ARG A 178 16.34 -2.80 3.26
C ARG A 178 17.30 -3.97 3.09
N ARG A 179 17.21 -4.65 1.95
CA ARG A 179 18.01 -5.87 1.71
C ARG A 179 19.50 -5.55 1.67
N MET A 180 19.87 -4.41 1.11
CA MET A 180 21.29 -4.09 0.95
C MET A 180 21.91 -3.47 2.19
N ILE A 181 21.11 -2.89 3.06
CA ILE A 181 21.65 -2.13 4.19
C ILE A 181 21.54 -2.89 5.49
N PHE A 182 20.48 -3.68 5.66
CA PHE A 182 20.20 -4.34 6.92
C PHE A 182 20.56 -5.82 6.84
N ASP A 183 21.14 -6.33 7.93
CA ASP A 183 21.40 -7.76 8.01
C ASP A 183 20.09 -8.52 8.07
N LYS A 184 20.11 -9.73 7.51
CA LYS A 184 18.88 -10.53 7.49
C LYS A 184 18.32 -10.80 8.88
N ASN A 185 19.13 -10.72 9.93
CA ASN A 185 18.59 -10.94 11.27
C ASN A 185 18.03 -9.68 11.91
N GLU A 186 18.06 -8.55 11.20
CA GLU A 186 17.48 -7.31 11.68
C GLU A 186 16.05 -7.08 11.19
N TYR A 187 15.54 -7.96 10.33
CA TYR A 187 14.15 -7.83 9.88
C TYR A 187 13.58 -9.22 9.59
N GLN A 188 12.27 -9.36 9.83
CA GLN A 188 11.54 -10.56 9.45
C GLN A 188 10.34 -10.18 8.60
N LEU A 189 10.12 -10.92 7.53
CA LEU A 189 8.89 -10.84 6.73
C LEU A 189 7.97 -11.96 7.18
N ILE A 190 6.88 -11.60 7.82
CA ILE A 190 5.95 -12.56 8.42
C ILE A 190 4.79 -12.78 7.45
N HIS A 191 4.68 -13.97 6.89
CA HIS A 191 3.56 -14.28 5.98
C HIS A 191 2.31 -14.56 6.81
N LEU A 192 1.21 -13.91 6.48
CA LEU A 192 -0.02 -14.03 7.26
C LEU A 192 -0.93 -15.13 6.70
N GLY A 193 -0.48 -15.86 5.69
CA GLY A 193 -1.19 -17.06 5.25
C GLY A 193 -2.13 -16.84 4.08
N SER A 194 -2.03 -15.71 3.38
CA SER A 194 -2.96 -15.38 2.29
C SER A 194 -2.23 -14.56 1.23
N TYR A 195 -2.92 -14.39 0.09
CA TYR A 195 -2.41 -13.70 -1.09
C TYR A 195 -3.48 -12.78 -1.65
N LEU A 196 -3.04 -11.75 -2.38
CA LEU A 196 -3.90 -10.77 -3.03
C LEU A 196 -3.45 -10.56 -4.46
N SER A 197 -4.40 -10.49 -5.39
CA SER A 197 -4.13 -10.10 -6.76
C SER A 197 -5.21 -9.16 -7.28
N THR A 198 -4.80 -8.16 -8.06
CA THR A 198 -5.78 -7.25 -8.65
C THR A 198 -5.23 -6.72 -9.98
N PHE A 199 -6.16 -6.48 -10.91
CA PHE A 199 -5.79 -6.01 -12.24
C PHE A 199 -7.04 -5.56 -12.98
N THR A 200 -6.85 -4.71 -13.98
CA THR A 200 -7.96 -4.22 -14.78
C THR A 200 -8.01 -4.92 -16.14
N ILE A 201 -9.23 -5.16 -16.61
CA ILE A 201 -9.52 -5.80 -17.89
C ILE A 201 -10.66 -5.05 -18.56
N PRO A 202 -10.96 -5.35 -19.83
CA PRO A 202 -12.18 -4.79 -20.43
C PRO A 202 -13.42 -5.19 -19.65
N ASN A 203 -14.38 -4.26 -19.55
CA ASN A 203 -15.63 -4.46 -18.82
C ASN A 203 -16.57 -5.35 -19.62
N TYR A 204 -16.20 -6.65 -19.71
CA TYR A 204 -16.90 -7.56 -20.61
C TYR A 204 -18.29 -7.90 -20.09
N LEU A 205 -18.54 -7.73 -18.78
CA LEU A 205 -19.86 -7.96 -18.21
C LEU A 205 -20.79 -6.75 -18.37
N GLY A 206 -20.25 -5.62 -18.77
CA GLY A 206 -21.04 -4.40 -18.83
C GLY A 206 -21.54 -3.90 -17.49
N LEU A 207 -20.76 -4.11 -16.44
CA LEU A 207 -21.16 -3.57 -15.14
C LEU A 207 -21.15 -2.03 -15.16
N SER A 208 -22.03 -1.45 -14.37
CA SER A 208 -22.13 0.00 -14.24
C SER A 208 -22.22 0.36 -12.76
N HIS A 209 -21.14 0.92 -12.22
CA HIS A 209 -21.08 1.35 -10.82
C HIS A 209 -21.57 0.24 -9.89
N THR A 210 -21.12 -0.98 -10.18
CA THR A 210 -21.55 -2.19 -9.49
C THR A 210 -20.34 -3.06 -9.17
N ASP A 211 -20.36 -3.69 -8.00
CA ASP A 211 -19.32 -4.60 -7.58
C ASP A 211 -19.98 -5.96 -7.30
N LEU A 212 -19.41 -7.01 -7.83
CA LEU A 212 -19.85 -8.38 -7.58
C LEU A 212 -18.73 -9.13 -6.85
N GLU A 213 -19.12 -9.88 -5.83
CA GLU A 213 -18.14 -10.65 -5.04
C GLU A 213 -18.70 -12.01 -4.72
N CYS A 214 -17.83 -13.03 -4.85
CA CYS A 214 -18.19 -14.42 -4.60
C CYS A 214 -17.12 -15.03 -3.71
N GLU A 215 -17.57 -15.62 -2.61
CA GLU A 215 -16.67 -16.22 -1.62
C GLU A 215 -16.98 -17.71 -1.51
N ALA A 216 -15.96 -18.54 -1.66
CA ALA A 216 -16.09 -19.97 -1.43
C ALA A 216 -14.73 -20.61 -1.23
N ASN A 217 -14.71 -21.64 -0.39
CA ASN A 217 -13.55 -22.50 -0.24
C ASN A 217 -12.28 -21.72 0.03
N HIS A 218 -12.38 -20.80 0.99
CA HIS A 218 -11.24 -20.02 1.48
C HIS A 218 -10.67 -19.10 0.40
N LYS A 219 -11.53 -18.68 -0.53
CA LYS A 219 -11.12 -17.87 -1.68
C LYS A 219 -12.21 -16.84 -1.93
N LEU A 220 -11.80 -15.67 -2.47
CA LEU A 220 -12.69 -14.56 -2.73
C LEU A 220 -12.35 -14.01 -4.10
N VAL A 221 -13.38 -13.76 -4.93
CA VAL A 221 -13.19 -13.18 -6.25
C VAL A 221 -14.15 -11.99 -6.36
N SER A 222 -13.66 -10.88 -6.85
CA SER A 222 -14.51 -9.70 -7.02
C SER A 222 -14.27 -9.11 -8.41
N ILE A 223 -15.30 -8.43 -8.91
CA ILE A 223 -15.16 -7.65 -10.12
C ILE A 223 -16.11 -6.46 -10.07
N ASN A 224 -15.61 -5.28 -10.41
CA ASN A 224 -16.45 -4.09 -10.46
C ASN A 224 -16.09 -3.22 -11.66
N SER A 225 -17.02 -2.35 -11.99
CA SER A 225 -16.77 -1.21 -12.88
C SER A 225 -17.32 0.01 -12.15
N ASP A 226 -16.58 1.11 -12.17
CA ASP A 226 -17.03 2.27 -11.44
C ASP A 226 -17.06 3.53 -12.26
N ASN A 227 -15.95 4.25 -12.35
CA ASN A 227 -15.98 5.57 -12.97
C ASN A 227 -15.52 5.52 -14.42
N ASN A 228 -14.95 4.42 -14.86
CA ASN A 228 -14.62 4.20 -16.27
C ASN A 228 -15.47 3.05 -16.77
N PRO A 229 -16.53 3.34 -17.52
CA PRO A 229 -17.45 2.27 -17.94
C PRO A 229 -16.81 1.21 -18.84
N GLU A 230 -15.66 1.49 -19.41
CA GLU A 230 -15.06 0.58 -20.39
C GLU A 230 -14.18 -0.48 -19.73
N ILE A 231 -13.88 -0.32 -18.45
CA ILE A 231 -12.94 -1.21 -17.78
C ILE A 231 -13.58 -1.72 -16.50
N ALA A 232 -13.12 -2.89 -16.08
CA ALA A 232 -13.52 -3.51 -14.84
C ALA A 232 -12.25 -3.88 -14.09
N ARG A 233 -12.32 -3.83 -12.78
CA ARG A 233 -11.20 -4.17 -11.91
C ARG A 233 -11.53 -5.49 -11.23
N ALA A 234 -10.64 -6.45 -11.38
CA ALA A 234 -10.80 -7.75 -10.73
C ALA A 234 -9.92 -7.85 -9.51
N GLY A 235 -10.43 -8.61 -8.52
CA GLY A 235 -9.67 -8.88 -7.31
C GLY A 235 -9.78 -10.34 -6.92
N PHE A 236 -8.65 -10.89 -6.46
CA PHE A 236 -8.57 -12.25 -5.96
C PHE A 236 -7.87 -12.23 -4.60
N MET A 237 -8.45 -12.92 -3.64
CA MET A 237 -7.81 -13.12 -2.33
C MET A 237 -8.02 -14.57 -1.93
N PHE A 238 -7.00 -15.14 -1.29
CA PHE A 238 -7.13 -16.55 -0.94
C PHE A 238 -6.14 -16.92 0.14
N ARG A 239 -6.52 -17.92 0.92
CA ARG A 239 -5.59 -18.51 1.88
C ARG A 239 -4.71 -19.54 1.21
N SER A 240 -3.43 -19.51 1.56
CA SER A 240 -2.47 -20.49 1.08
C SER A 240 -1.21 -20.41 1.92
N GLN A 241 -0.66 -21.58 2.26
CA GLN A 241 0.66 -21.69 2.86
C GLN A 241 1.75 -21.92 1.82
N HIS A 242 1.40 -21.95 0.54
CA HIS A 242 2.40 -22.16 -0.50
C HIS A 242 3.24 -20.91 -0.66
N ILE A 243 4.55 -21.10 -0.73
CA ILE A 243 5.50 -20.02 -0.92
C ILE A 243 6.14 -20.17 -2.29
N LEU A 244 6.16 -19.09 -3.05
CA LEU A 244 6.70 -19.11 -4.40
C LEU A 244 8.23 -19.27 -4.38
N LYS A 245 8.72 -19.93 -5.41
CA LYS A 245 10.17 -20.05 -5.60
C LYS A 245 10.80 -18.68 -5.78
N ASP A 246 10.14 -17.79 -6.53
CA ASP A 246 10.59 -16.42 -6.73
C ASP A 246 9.34 -15.55 -6.64
N ILE A 247 9.14 -14.87 -5.51
CA ILE A 247 7.94 -14.07 -5.30
C ILE A 247 7.81 -12.95 -6.31
N ARG A 248 8.88 -12.61 -7.03
CA ARG A 248 8.85 -11.56 -8.03
C ARG A 248 8.59 -12.07 -9.45
N ASP A 249 8.56 -13.39 -9.66
CA ASP A 249 8.42 -13.96 -10.99
C ASP A 249 6.95 -13.93 -11.40
N GLU A 250 6.60 -13.03 -12.34
CA GLU A 250 5.21 -12.84 -12.70
C GLU A 250 4.61 -14.09 -13.35
N HIS A 251 5.40 -14.84 -14.11
CA HIS A 251 4.87 -16.08 -14.67
C HIS A 251 4.48 -17.04 -13.57
N GLU A 252 5.33 -17.19 -12.53
CA GLU A 252 5.00 -18.08 -11.42
C GLU A 252 3.79 -17.57 -10.64
N GLN A 253 3.68 -16.24 -10.48
CA GLN A 253 2.53 -15.66 -9.80
C GLN A 253 1.22 -15.98 -10.53
N LYS A 254 1.22 -15.80 -11.83
CA LYS A 254 0.02 -16.02 -12.61
C LYS A 254 -0.33 -17.49 -12.67
N GLN A 255 0.68 -18.35 -12.81
CA GLN A 255 0.39 -19.78 -12.78
C GLN A 255 -0.22 -20.20 -11.44
N PHE A 256 0.32 -19.68 -10.34
CA PHE A 256 -0.22 -19.96 -9.01
C PHE A 256 -1.64 -19.44 -8.86
N LEU A 257 -1.92 -18.25 -9.40
CA LEU A 257 -3.27 -17.74 -9.33
C LEU A 257 -4.24 -18.61 -10.13
N CYS A 258 -3.85 -19.00 -11.33
CA CYS A 258 -4.73 -19.83 -12.16
C CYS A 258 -4.93 -21.23 -11.56
N ASP A 259 -3.87 -21.84 -11.04
CA ASP A 259 -4.02 -23.14 -10.38
C ASP A 259 -4.95 -23.04 -9.20
N THR A 260 -4.79 -21.97 -8.40
CA THR A 260 -5.59 -21.83 -7.20
C THR A 260 -7.07 -21.76 -7.51
N PHE A 261 -7.46 -21.04 -8.57
CA PHE A 261 -8.85 -20.80 -8.91
C PHE A 261 -9.37 -21.73 -10.01
N ARG A 262 -8.62 -22.81 -10.28
CA ARG A 262 -8.94 -23.71 -11.39
C ARG A 262 -10.38 -24.23 -11.32
N ASP A 263 -10.87 -24.54 -10.13
CA ASP A 263 -12.22 -25.11 -10.01
C ASP A 263 -13.21 -24.18 -9.31
N PHE A 264 -12.93 -22.88 -9.25
CA PHE A 264 -13.81 -21.97 -8.53
C PHE A 264 -15.12 -21.73 -9.29
N GLY A 265 -15.07 -21.70 -10.61
CA GLY A 265 -16.27 -21.45 -11.39
C GLY A 265 -16.62 -19.96 -11.45
N TRP A 266 -17.92 -19.68 -11.54
CA TRP A 266 -18.40 -18.31 -11.71
C TRP A 266 -17.63 -17.62 -12.84
N GLU A 267 -17.23 -16.37 -12.64
CA GLU A 267 -16.53 -15.60 -13.67
C GLU A 267 -15.03 -15.77 -13.66
N THR A 268 -14.48 -16.72 -12.87
CA THR A 268 -13.03 -16.71 -12.69
C THR A 268 -12.29 -16.97 -14.00
N GLN A 269 -12.79 -17.89 -14.82
CA GLN A 269 -12.08 -18.16 -16.07
C GLN A 269 -12.20 -16.99 -17.06
N ASN A 270 -13.38 -16.39 -17.15
CA ASN A 270 -13.53 -15.22 -18.03
C ASN A 270 -12.58 -14.11 -17.63
N ILE A 271 -12.43 -13.88 -16.32
CA ILE A 271 -11.48 -12.88 -15.83
C ILE A 271 -10.04 -13.28 -16.09
N LEU A 272 -9.65 -14.50 -15.68
CA LEU A 272 -8.25 -14.88 -15.77
C LEU A 272 -7.79 -14.97 -17.21
N ASN A 273 -8.69 -15.34 -18.13
CA ASN A 273 -8.38 -15.40 -19.55
C ASN A 273 -8.11 -14.04 -20.15
N ARG A 274 -8.43 -12.96 -19.44
CA ARG A 274 -8.18 -11.60 -19.93
C ARG A 274 -6.95 -10.95 -19.32
N MET A 275 -6.20 -11.67 -18.45
CA MET A 275 -4.99 -11.09 -17.90
C MET A 275 -3.98 -10.62 -18.93
N PRO A 276 -3.79 -11.30 -20.08
CA PRO A 276 -2.85 -10.77 -21.07
C PRO A 276 -3.26 -9.41 -21.60
N GLU A 277 -4.52 -9.00 -21.42
CA GLU A 277 -4.96 -7.69 -21.90
C GLU A 277 -4.84 -6.62 -20.84
N SER A 278 -4.28 -6.95 -19.69
CA SER A 278 -4.18 -6.05 -18.55
C SER A 278 -2.79 -5.44 -18.51
N ASP A 279 -2.72 -4.14 -18.29
CA ASP A 279 -1.44 -3.46 -18.20
C ASP A 279 -1.04 -3.07 -16.78
N ASP A 280 -1.75 -3.58 -15.75
CA ASP A 280 -1.44 -3.16 -14.38
C ASP A 280 -1.49 -4.34 -13.39
N PHE A 281 -1.11 -5.52 -13.82
CA PHE A 281 -1.19 -6.70 -12.94
C PHE A 281 -0.41 -6.51 -11.66
N TYR A 282 -1.06 -6.85 -10.53
CA TYR A 282 -0.47 -6.81 -9.20
C TYR A 282 -0.75 -8.12 -8.49
N PHE A 283 0.27 -8.63 -7.83
CA PHE A 283 0.18 -9.87 -7.05
C PHE A 283 1.15 -9.77 -5.88
N ASP A 284 0.70 -10.13 -4.69
CA ASP A 284 1.67 -10.23 -3.60
C ASP A 284 1.12 -11.08 -2.47
N ALA A 285 2.04 -11.66 -1.70
CA ALA A 285 1.67 -12.29 -0.46
C ALA A 285 1.26 -11.22 0.54
N ILE A 286 0.36 -11.61 1.44
CA ILE A 286 -0.12 -10.74 2.52
C ILE A 286 0.82 -10.98 3.69
N THR A 287 1.63 -9.96 4.00
CA THR A 287 2.85 -10.10 4.80
C THR A 287 3.10 -8.85 5.62
N GLN A 288 3.75 -9.02 6.77
CA GLN A 288 4.17 -7.86 7.57
C GLN A 288 5.69 -7.82 7.62
N VAL A 289 6.23 -6.61 7.74
CA VAL A 289 7.66 -6.41 7.94
C VAL A 289 7.88 -6.03 9.41
N ARG A 290 8.65 -6.84 10.12
CA ARG A 290 8.94 -6.64 11.53
C ARG A 290 10.40 -6.25 11.72
N MET A 291 10.63 -5.08 12.29
CA MET A 291 11.96 -4.57 12.58
C MET A 291 11.95 -3.92 13.95
N ASN A 292 13.08 -4.00 14.65
CA ASN A 292 13.23 -3.28 15.91
C ASN A 292 13.60 -1.81 15.70
N SER A 293 14.28 -1.50 14.62
CA SER A 293 14.56 -0.13 14.22
C SER A 293 14.46 -0.02 12.71
N TRP A 294 13.95 1.11 12.23
CA TRP A 294 13.77 1.32 10.80
C TRP A 294 14.89 2.15 10.18
N THR A 295 15.97 2.41 10.94
CA THR A 295 17.08 3.22 10.45
C THR A 295 18.41 2.54 10.78
N LYS A 296 19.42 2.85 9.97
CA LYS A 296 20.79 2.39 10.25
C LYS A 296 21.73 3.45 9.67
N GLY A 297 22.41 4.18 10.55
CA GLY A 297 23.35 5.20 10.09
C GLY A 297 22.63 6.30 9.36
N ARG A 298 22.90 6.41 8.06
CA ARG A 298 22.32 7.44 7.21
C ARG A 298 21.16 6.94 6.35
N ILE A 299 20.62 5.76 6.68
CA ILE A 299 19.57 5.11 5.91
C ILE A 299 18.34 5.03 6.80
N ALA A 300 17.18 5.42 6.25
CA ALA A 300 15.90 5.29 6.94
C ALA A 300 14.89 4.64 5.99
N LEU A 301 14.10 3.71 6.52
CA LEU A 301 13.01 3.10 5.78
C LEU A 301 11.69 3.75 6.16
N ILE A 302 10.81 3.95 5.16
CA ILE A 302 9.45 4.43 5.43
C ILE A 302 8.46 3.52 4.74
N GLY A 303 7.21 3.57 5.21
CA GLY A 303 6.14 2.80 4.59
C GLY A 303 6.36 1.31 4.68
N ASP A 304 5.88 0.59 3.66
CA ASP A 304 5.90 -0.87 3.70
C ASP A 304 7.30 -1.42 3.86
N ALA A 305 8.31 -0.70 3.33
CA ALA A 305 9.69 -1.13 3.41
C ALA A 305 10.11 -1.42 4.84
N GLY A 306 9.61 -0.63 5.79
CA GLY A 306 9.97 -0.81 7.17
C GLY A 306 8.96 -1.53 8.04
N TYR A 307 7.66 -1.32 7.80
CA TYR A 307 6.63 -1.76 8.74
C TYR A 307 5.32 -2.13 8.06
N CYS A 308 5.38 -2.69 6.85
CA CYS A 308 4.18 -3.11 6.13
C CYS A 308 3.19 -3.77 7.09
N PRO A 309 1.98 -3.24 7.26
CA PRO A 309 0.97 -3.90 8.09
C PRO A 309 0.07 -4.87 7.35
N SER A 310 0.29 -5.02 6.04
CA SER A 310 -0.40 -5.93 5.11
C SER A 310 -1.74 -5.40 4.64
N PRO A 311 -2.22 -5.86 3.48
CA PRO A 311 -3.55 -5.44 3.02
C PRO A 311 -4.67 -5.72 4.01
N LEU A 312 -4.54 -6.75 4.87
CA LEU A 312 -5.64 -7.07 5.79
C LEU A 312 -5.79 -6.03 6.92
N SER A 313 -4.78 -5.20 7.15
CA SER A 313 -4.94 -4.07 8.07
C SER A 313 -5.79 -2.95 7.48
N GLY A 314 -5.88 -2.86 6.15
CA GLY A 314 -6.50 -1.72 5.50
C GLY A 314 -5.82 -0.41 5.77
N GLN A 315 -4.57 -0.44 6.25
CA GLN A 315 -3.92 0.74 6.79
C GLN A 315 -2.56 1.06 6.20
N GLY A 316 -2.07 0.28 5.22
CA GLY A 316 -0.73 0.51 4.71
C GLY A 316 -0.51 1.95 4.23
N ASN A 317 -1.47 2.48 3.48
CA ASN A 317 -1.30 3.82 2.92
C ASN A 317 -1.35 4.89 4.01
N ASN A 318 -2.10 4.64 5.07
CA ASN A 318 -2.21 5.58 6.17
C ASN A 318 -0.96 5.56 7.04
N LEU A 319 -0.40 4.37 7.29
CA LEU A 319 0.91 4.30 7.95
C LEU A 319 1.99 4.95 7.10
N ALA A 320 1.92 4.79 5.77
CA ALA A 320 2.89 5.46 4.91
C ALA A 320 2.78 6.98 5.05
N PHE A 321 1.57 7.52 5.04
CA PHE A 321 1.38 8.96 5.22
C PHE A 321 2.03 9.43 6.52
N VAL A 322 1.76 8.74 7.64
CA VAL A 322 2.24 9.18 8.94
C VAL A 322 3.76 9.06 9.05
N GLY A 323 4.31 7.96 8.56
CA GLY A 323 5.75 7.79 8.59
C GLY A 323 6.49 8.84 7.78
N ALA A 324 5.99 9.15 6.59
CA ALA A 324 6.62 10.18 5.77
C ALA A 324 6.63 11.52 6.50
N TYR A 325 5.47 11.89 7.05
CA TYR A 325 5.34 13.16 7.76
C TYR A 325 6.32 13.26 8.93
N ILE A 326 6.34 12.25 9.79
CA ILE A 326 7.16 12.31 11.00
C ILE A 326 8.63 12.33 10.66
N LEU A 327 9.07 11.49 9.72
CA LEU A 327 10.49 11.48 9.40
C LEU A 327 10.94 12.84 8.86
N ALA A 328 10.14 13.39 7.94
CA ALA A 328 10.48 14.69 7.35
C ALA A 328 10.51 15.76 8.44
N GLY A 329 9.52 15.75 9.32
CA GLY A 329 9.46 16.74 10.40
C GLY A 329 10.62 16.61 11.36
N GLU A 330 10.95 15.39 11.77
CA GLU A 330 12.06 15.22 12.70
C GLU A 330 13.38 15.65 12.07
N LEU A 331 13.54 15.45 10.76
CA LEU A 331 14.75 15.94 10.09
C LEU A 331 14.78 17.47 10.11
N LYS A 332 13.63 18.11 9.97
CA LYS A 332 13.56 19.57 10.06
C LYS A 332 13.86 20.05 11.47
N THR A 333 13.22 19.45 12.47
CA THR A 333 13.43 19.86 13.86
C THR A 333 14.88 19.69 14.27
N ALA A 334 15.55 18.67 13.75
CA ALA A 334 16.94 18.37 14.09
C ALA A 334 17.92 19.18 13.27
N ASN A 335 17.44 20.08 12.42
CA ASN A 335 18.31 20.91 11.58
C ASN A 335 19.26 20.03 10.76
N ALA A 336 18.71 18.95 10.21
CA ALA A 336 19.40 17.99 9.35
C ALA A 336 20.37 17.09 10.08
N ASN A 337 20.31 17.02 11.42
CA ASN A 337 21.13 16.09 12.20
C ASN A 337 20.44 14.73 12.20
N TYR A 338 20.82 13.89 11.24
CA TYR A 338 20.05 12.69 10.93
C TYR A 338 20.04 11.71 12.09
N MET A 339 21.13 11.61 12.85
CA MET A 339 21.15 10.66 13.96
C MET A 339 20.05 10.97 14.96
N GLN A 340 19.87 12.25 15.28
CA GLN A 340 18.83 12.63 16.24
C GLN A 340 17.45 12.45 15.63
N ALA A 341 17.30 12.85 14.37
CA ALA A 341 16.00 12.74 13.71
C ALA A 341 15.56 11.28 13.62
N PHE A 342 16.48 10.40 13.22
CA PHE A 342 16.17 8.98 13.12
C PHE A 342 15.78 8.38 14.47
N SER A 343 16.47 8.80 15.55
CA SER A 343 16.11 8.29 16.86
C SER A 343 14.69 8.69 17.24
N ARG A 344 14.32 9.95 16.96
CA ARG A 344 12.98 10.43 17.27
C ARG A 344 11.94 9.72 16.41
N TYR A 345 12.23 9.56 15.12
CA TYR A 345 11.34 8.85 14.19
C TYR A 345 11.00 7.48 14.74
N ASN A 346 12.01 6.69 15.08
CA ASN A 346 11.77 5.35 15.62
C ASN A 346 10.87 5.41 16.85
N ALA A 347 11.17 6.33 17.78
CA ALA A 347 10.46 6.34 19.05
C ALA A 347 9.01 6.78 18.89
N LEU A 348 8.77 7.80 18.06
CA LEU A 348 7.46 8.41 17.95
C LEU A 348 6.48 7.55 17.15
N LEU A 349 6.99 6.75 16.23
CA LEU A 349 6.13 5.93 15.37
C LEU A 349 5.85 4.54 15.94
N ARG A 350 6.66 4.07 16.90
CA ARG A 350 6.61 2.67 17.29
C ARG A 350 5.22 2.22 17.72
N SER A 351 4.59 2.96 18.64
CA SER A 351 3.31 2.53 19.17
C SER A 351 2.27 2.43 18.05
N PHE A 352 2.25 3.41 17.16
CA PHE A 352 1.27 3.42 16.08
C PHE A 352 1.48 2.25 15.12
N VAL A 353 2.74 1.98 14.79
CA VAL A 353 3.03 0.83 13.92
C VAL A 353 2.53 -0.45 14.59
N ASP A 354 2.84 -0.64 15.88
CA ASP A 354 2.46 -1.86 16.57
C ASP A 354 0.93 -2.04 16.59
N THR A 355 0.20 -0.96 16.85
CA THR A 355 -1.25 -1.03 16.92
C THR A 355 -1.85 -1.44 15.59
N ASN A 356 -1.35 -0.84 14.50
CA ASN A 356 -1.84 -1.14 13.15
C ASN A 356 -1.45 -2.56 12.72
N GLN A 357 -0.24 -2.99 13.03
CA GLN A 357 0.17 -4.36 12.70
C GLN A 357 -0.63 -5.39 13.49
N GLU A 358 -0.88 -5.14 14.77
CA GLU A 358 -1.65 -6.07 15.56
C GLU A 358 -3.04 -6.25 14.98
N PHE A 359 -3.63 -5.16 14.50
CA PHE A 359 -4.95 -5.24 13.91
C PHE A 359 -4.93 -6.09 12.64
N GLY A 360 -3.89 -5.93 11.80
CA GLY A 360 -3.77 -6.77 10.61
C GLY A 360 -3.64 -8.25 10.99
N VAL A 361 -2.88 -8.52 12.04
CA VAL A 361 -2.74 -9.92 12.48
C VAL A 361 -4.09 -10.45 12.94
N TRP A 362 -4.84 -9.64 13.70
CA TRP A 362 -6.14 -10.06 14.18
C TRP A 362 -7.06 -10.39 13.01
N VAL A 363 -7.12 -9.53 12.00
CA VAL A 363 -7.97 -9.85 10.86
C VAL A 363 -7.53 -11.15 10.20
N SER A 364 -6.22 -11.35 10.06
CA SER A 364 -5.72 -12.54 9.39
C SER A 364 -6.11 -13.82 10.14
N LYS A 365 -6.42 -13.73 11.42
CA LYS A 365 -6.72 -14.94 12.18
C LYS A 365 -8.05 -15.58 11.78
N SER A 366 -8.93 -14.83 11.12
CA SER A 366 -10.22 -15.39 10.67
C SER A 366 -10.53 -15.14 9.20
N PHE A 367 -9.75 -14.31 8.50
CA PHE A 367 -10.02 -13.99 7.10
C PHE A 367 -10.06 -15.26 6.22
N LEU A 368 -11.20 -15.52 5.61
CA LEU A 368 -11.38 -16.64 4.69
C LEU A 368 -11.04 -17.98 5.34
N VAL A 369 -11.03 -18.08 6.67
CA VAL A 369 -10.47 -19.29 7.28
C VAL A 369 -11.47 -20.43 7.25
N GLU A 370 -12.75 -20.13 7.47
CA GLU A 370 -13.80 -21.15 7.50
C GLU A 370 -14.76 -20.97 6.32
N ASP A 371 -15.06 -22.08 5.64
CA ASP A 371 -15.92 -22.05 4.46
C ASP A 371 -17.26 -21.40 4.78
N GLU A 372 -17.93 -21.88 5.83
CA GLU A 372 -19.23 -21.37 6.23
C GLU A 372 -19.12 -20.88 7.67
N VAL A 373 -19.57 -19.65 7.91
CA VAL A 373 -19.58 -19.03 9.22
C VAL A 373 -21.01 -18.67 9.56
N SER A 374 -21.38 -18.87 10.83
CA SER A 374 -22.70 -18.45 11.30
C SER A 374 -22.92 -16.98 10.96
N LYS A 375 -24.15 -16.65 10.58
CA LYS A 375 -24.48 -15.24 10.34
C LYS A 375 -24.25 -14.42 11.60
N GLU A 376 -24.72 -14.92 12.74
CA GLU A 376 -24.48 -14.22 14.01
C GLU A 376 -22.99 -13.97 14.23
N ILE A 377 -22.16 -14.99 13.97
CA ILE A 377 -20.72 -14.87 14.15
C ILE A 377 -20.13 -13.85 13.16
N ALA A 378 -20.52 -13.96 11.88
CA ALA A 378 -20.00 -13.03 10.89
C ALA A 378 -20.36 -11.60 11.23
N GLU A 379 -21.59 -11.37 11.68
CA GLU A 379 -22.03 -10.01 11.96
C GLU A 379 -21.28 -9.42 13.14
N GLU A 380 -21.15 -10.18 14.23
CA GLU A 380 -20.40 -9.67 15.38
C GLU A 380 -18.95 -9.38 15.00
N ARG A 381 -18.36 -10.25 14.18
CA ARG A 381 -16.98 -10.06 13.72
C ARG A 381 -16.87 -8.80 12.87
N SER A 382 -17.81 -8.59 11.95
CA SER A 382 -17.76 -7.43 11.08
C SER A 382 -17.90 -6.14 11.89
N ASN A 383 -18.81 -6.11 12.87
CA ASN A 383 -19.01 -4.92 13.67
C ASN A 383 -17.78 -4.59 14.48
N ARG A 384 -17.16 -5.61 15.10
CA ARG A 384 -15.96 -5.36 15.90
C ARG A 384 -14.83 -4.83 15.03
N ILE A 385 -14.65 -5.38 13.83
CA ILE A 385 -13.60 -4.90 12.93
C ILE A 385 -13.82 -3.42 12.59
N LEU A 386 -15.06 -3.03 12.31
CA LEU A 386 -15.32 -1.61 11.98
C LEU A 386 -14.98 -0.70 13.16
N ALA A 387 -15.31 -1.12 14.39
CA ALA A 387 -14.97 -0.32 15.55
C ALA A 387 -13.46 -0.26 15.78
N MET A 388 -12.78 -1.40 15.63
CA MET A 388 -11.35 -1.47 15.88
C MET A 388 -10.57 -0.65 14.89
N ILE A 389 -10.95 -0.70 13.59
CA ILE A 389 -10.15 0.02 12.60
C ILE A 389 -10.26 1.52 12.81
N LYS A 390 -11.39 2.02 13.28
CA LYS A 390 -11.50 3.44 13.59
C LYS A 390 -10.52 3.83 14.70
N LEU A 391 -10.45 3.03 15.76
CA LEU A 391 -9.51 3.32 16.85
C LEU A 391 -8.06 3.26 16.36
N VAL A 392 -7.72 2.19 15.66
CA VAL A 392 -6.36 2.00 15.18
C VAL A 392 -5.93 3.17 14.31
N SER A 393 -6.83 3.66 13.48
CA SER A 393 -6.47 4.70 12.54
C SER A 393 -6.21 6.05 13.21
N ASN A 394 -6.59 6.20 14.47
CA ASN A 394 -6.42 7.43 15.21
C ASN A 394 -5.41 7.30 16.36
N ALA A 395 -4.70 6.18 16.47
CA ALA A 395 -3.95 5.82 17.67
C ALA A 395 -2.58 6.48 17.74
N ILE A 396 -2.54 7.80 17.55
CA ILE A 396 -1.30 8.56 17.60
C ILE A 396 -1.66 10.03 17.81
N ILE A 397 -0.75 10.77 18.44
CA ILE A 397 -0.82 12.22 18.52
C ILE A 397 0.32 12.76 17.67
N LEU A 398 -0.02 13.49 16.65
CA LEU A 398 0.98 13.96 15.70
C LEU A 398 1.77 15.13 16.28
N PRO A 399 3.09 15.14 16.12
CA PRO A 399 3.85 16.35 16.42
C PRO A 399 3.56 17.45 15.41
N GLN A 400 3.79 18.68 15.84
CA GLN A 400 3.68 19.85 14.99
C GLN A 400 5.08 20.30 14.60
N TYR A 401 5.25 20.60 13.33
CA TYR A 401 6.55 21.03 12.82
C TYR A 401 6.50 22.40 12.13
N GLU A 402 5.31 22.91 11.81
CA GLU A 402 5.12 24.13 10.99
C GLU A 402 5.40 23.91 9.49
PA FAD B . 4.51 0.65 -2.49
O1A FAD B . 3.17 1.19 -2.70
O2A FAD B . 4.69 -0.86 -2.67
O5B FAD B . 5.50 1.47 -3.41
C5B FAD B . 6.87 1.04 -3.60
C4B FAD B . 7.42 1.77 -4.82
O4B FAD B . 8.85 1.56 -4.90
C3B FAD B . 6.83 1.29 -6.15
O3B FAD B . 6.57 2.42 -6.98
C2B FAD B . 7.92 0.36 -6.69
O2B FAD B . 7.94 0.24 -8.11
C1B FAD B . 9.17 1.09 -6.21
N9A FAD B . 10.35 0.25 -6.12
C8A FAD B . 10.43 -1.07 -5.75
N7A FAD B . 11.65 -1.54 -5.76
C5A FAD B . 12.44 -0.46 -6.15
C6A FAD B . 13.82 -0.33 -6.36
N6A FAD B . 14.70 -1.32 -6.17
N1A FAD B . 14.27 0.88 -6.74
C2A FAD B . 13.40 1.88 -6.91
N3A FAD B . 12.08 1.86 -6.78
C4A FAD B . 11.65 0.64 -6.38
N1 FAD B . -1.70 -2.85 -1.25
C2 FAD B . -2.96 -3.26 -0.96
O2 FAD B . -3.33 -3.44 0.21
N3 FAD B . -3.87 -3.49 -1.98
C4 FAD B . -3.62 -3.32 -3.35
O4 FAD B . -4.51 -3.54 -4.16
C4X FAD B . -2.27 -2.85 -3.65
N5 FAD B . -1.94 -2.67 -4.92
C5X FAD B . -0.63 -2.23 -5.18
C6 FAD B . -0.26 -2.01 -6.50
C7 FAD B . 1.03 -1.56 -6.81
C7M FAD B . 1.43 -1.37 -8.25
C8 FAD B . 1.96 -1.35 -5.79
C8M FAD B . 3.37 -0.88 -6.08
C9 FAD B . 1.57 -1.55 -4.46
C9A FAD B . 0.29 -2.00 -4.15
N10 FAD B . -0.11 -2.24 -2.82
C10 FAD B . -1.39 -2.64 -2.53
C1' FAD B . 0.76 -1.91 -1.70
C2' FAD B . 0.39 -0.52 -1.10
O2' FAD B . 0.66 0.54 -2.02
C3' FAD B . 1.13 -0.29 0.22
O3' FAD B . 0.68 -1.28 1.16
C4' FAD B . 0.99 1.09 0.85
O4' FAD B . -0.28 1.69 0.55
C5' FAD B . 2.02 2.08 0.31
O5' FAD B . 3.32 1.65 0.73
P FAD B . 4.63 2.16 0.03
O1P FAD B . 4.58 3.48 -0.73
O2P FAD B . 5.55 2.09 1.15
O3P FAD B . 5.01 0.96 -1.01
H51A FAD B . 6.90 0.11 -3.75
H52A FAD B . 7.39 1.25 -2.85
H4B FAD B . 7.27 2.70 -4.75
H3B FAD B . 6.05 0.79 -6.03
HO3A FAD B . 7.21 2.94 -6.96
H2B FAD B . 7.82 -0.49 -6.30
HO2A FAD B . 7.72 0.95 -8.46
H1B FAD B . 9.34 1.81 -6.78
H8A FAD B . 9.69 -1.57 -5.52
H61A FAD B . 14.43 -2.09 -5.91
H62A FAD B . 15.55 -1.16 -6.32
H2A FAD B . 13.76 2.69 -7.20
HN3 FAD B . -4.66 -3.76 -1.76
H6 FAD B . -0.96 -2.20 -7.08
HM71 FAD B . 1.88 -0.55 -8.35
HM72 FAD B . 0.65 -1.35 -8.79
HM73 FAD B . 1.98 -2.08 -8.52
HM81 FAD B . 3.69 -0.39 -5.34
HM82 FAD B . 3.36 -0.33 -6.84
HM83 FAD B . 3.92 -1.62 -6.23
H9 FAD B . 2.38 -1.62 -4.01
H1'1 FAD B . 1.65 -1.88 -2.00
H1'2 FAD B . 0.68 -2.57 -1.03
H2' FAD B . -0.54 -0.52 -0.91
HO2' FAD B . 1.48 0.59 -2.16
H3' FAD B . 2.04 -0.41 0.05
HO3' FAD B . 0.99 -2.02 0.96
H4' FAD B . 1.07 0.95 1.77
HO4' FAD B . -0.89 1.24 0.92
H5'1 FAD B . 1.85 2.93 0.65
H5'2 FAD B . 1.99 2.09 -0.63
#